data_2ZNF
#
_entry.id   2ZNF
#
_cell.length_a   1.000
_cell.length_b   1.000
_cell.length_c   1.000
_cell.angle_alpha   90.00
_cell.angle_beta   90.00
_cell.angle_gamma   90.00
#
_symmetry.space_group_name_H-M   'P 1'
#
loop_
_entity.id
_entity.type
_entity.pdbx_description
1 polymer 'GAG POLYPROTEIN'
2 non-polymer 'ZINC ION'
#
_entity_poly.entity_id   1
_entity_poly.type   'polypeptide(L)'
_entity_poly.pdbx_seq_one_letter_code
;VKCFNCGKEGHIARNCRA
;
_entity_poly.pdbx_strand_id   A
#
# COMPACT_ATOMS: atom_id res chain seq x y z
N VAL A 1 3.96 -6.28 -3.11
CA VAL A 1 4.10 -6.49 -1.68
C VAL A 1 4.57 -5.23 -1.00
N LYS A 2 3.71 -4.62 -0.27
CA LYS A 2 3.83 -3.33 0.40
C LYS A 2 3.47 -2.19 -0.52
N CYS A 3 2.89 -1.19 0.07
CA CYS A 3 2.12 -0.11 -0.58
C CYS A 3 3.04 0.87 -1.23
N PHE A 4 3.08 0.85 -2.51
CA PHE A 4 3.85 1.70 -3.41
C PHE A 4 3.91 3.13 -2.96
N ASN A 5 2.80 3.66 -2.64
CA ASN A 5 2.56 5.07 -2.24
C ASN A 5 3.12 5.29 -0.88
N CYS A 6 2.55 4.62 0.11
CA CYS A 6 2.49 5.03 1.50
C CYS A 6 3.38 4.32 2.44
N GLY A 7 4.08 3.34 2.00
CA GLY A 7 5.12 2.59 2.70
C GLY A 7 4.59 1.38 3.41
N LYS A 8 3.37 1.45 3.84
CA LYS A 8 2.78 0.65 4.91
C LYS A 8 2.45 -0.75 4.46
N GLU A 9 2.74 -1.68 5.31
CA GLU A 9 2.84 -3.12 5.04
C GLU A 9 1.53 -3.80 5.25
N GLY A 10 0.75 -3.86 4.22
CA GLY A 10 -0.70 -4.12 4.24
C GLY A 10 -1.23 -4.38 2.86
N HIS A 11 -1.29 -3.36 2.08
CA HIS A 11 -2.24 -3.16 0.96
C HIS A 11 -1.55 -2.53 -0.21
N ILE A 12 -2.13 -2.67 -1.37
CA ILE A 12 -1.72 -2.06 -2.62
C ILE A 12 -2.21 -0.63 -2.71
N ALA A 13 -1.55 0.10 -3.55
CA ALA A 13 -1.52 1.56 -3.64
C ALA A 13 -2.90 2.08 -4.07
N ARG A 14 -3.45 1.34 -4.97
CA ARG A 14 -4.27 1.89 -6.10
C ARG A 14 -5.52 2.50 -5.55
N ASN A 15 -5.96 1.98 -4.45
CA ASN A 15 -7.06 2.47 -3.61
C ASN A 15 -6.79 2.33 -2.14
N CYS A 16 -5.56 2.37 -1.78
CA CYS A 16 -5.01 2.74 -0.47
C CYS A 16 -5.91 3.70 0.24
N ARG A 17 -5.96 3.57 1.53
CA ARG A 17 -6.86 4.29 2.45
C ARG A 17 -6.13 5.38 3.18
N ALA A 18 -5.38 6.13 2.44
CA ALA A 18 -4.48 7.19 2.92
C ALA A 18 -5.08 8.55 2.61
N VAL A 1 2.21 -8.28 0.38
CA VAL A 1 2.60 -7.10 -0.41
C VAL A 1 2.69 -5.87 0.46
N LYS A 2 3.04 -4.79 -0.15
CA LYS A 2 3.42 -3.52 0.46
C LYS A 2 3.15 -2.38 -0.48
N CYS A 3 2.77 -1.29 0.09
CA CYS A 3 2.04 -0.17 -0.56
C CYS A 3 2.98 0.78 -1.21
N PHE A 4 3.03 0.74 -2.50
CA PHE A 4 3.77 1.60 -3.41
C PHE A 4 3.90 3.00 -2.94
N ASN A 5 2.79 3.59 -2.62
CA ASN A 5 2.61 5.00 -2.23
C ASN A 5 3.14 5.21 -0.85
N CYS A 6 2.53 4.57 0.11
CA CYS A 6 2.47 5.00 1.51
C CYS A 6 3.40 4.28 2.43
N GLY A 7 4.08 3.30 1.97
CA GLY A 7 5.13 2.55 2.64
C GLY A 7 4.62 1.36 3.39
N LYS A 8 3.41 1.46 3.86
CA LYS A 8 2.88 0.72 5.02
C LYS A 8 2.48 -0.67 4.64
N GLU A 9 3.14 -1.63 5.21
CA GLU A 9 2.85 -3.06 5.10
C GLU A 9 1.36 -3.30 5.18
N GLY A 10 0.80 -3.80 4.11
CA GLY A 10 -0.49 -4.47 4.05
C GLY A 10 -1.01 -4.59 2.65
N HIS A 11 -1.17 -3.48 2.02
CA HIS A 11 -2.17 -3.24 0.95
C HIS A 11 -1.54 -2.54 -0.22
N ILE A 12 -2.18 -2.65 -1.35
CA ILE A 12 -1.80 -2.05 -2.61
C ILE A 12 -2.24 -0.60 -2.68
N ALA A 13 -1.59 0.11 -3.53
CA ALA A 13 -1.52 1.57 -3.62
C ALA A 13 -2.88 2.13 -4.05
N ARG A 14 -3.41 1.46 -5.01
CA ARG A 14 -4.23 2.08 -6.10
C ARG A 14 -5.48 2.66 -5.52
N ASN A 15 -5.92 2.06 -4.47
CA ASN A 15 -7.08 2.44 -3.64
C ASN A 15 -6.83 2.23 -2.17
N CYS A 16 -5.60 2.35 -1.80
CA CYS A 16 -5.07 2.65 -0.46
C CYS A 16 -6.00 3.54 0.31
N ARG A 17 -6.03 3.35 1.59
CA ARG A 17 -6.68 4.20 2.59
C ARG A 17 -5.72 5.23 3.12
N ALA A 18 -5.38 6.15 2.28
CA ALA A 18 -4.56 7.33 2.57
C ALA A 18 -5.13 8.56 1.86
N VAL A 1 3.98 -7.30 -2.51
CA VAL A 1 3.31 -6.73 -1.33
C VAL A 1 3.90 -5.39 -0.97
N LYS A 2 3.26 -4.73 -0.07
CA LYS A 2 3.59 -3.41 0.46
C LYS A 2 3.21 -2.32 -0.49
N CYS A 3 2.81 -1.22 0.07
CA CYS A 3 2.08 -0.12 -0.59
C CYS A 3 3.03 0.83 -1.25
N PHE A 4 3.06 0.82 -2.53
CA PHE A 4 3.77 1.70 -3.44
C PHE A 4 3.87 3.11 -2.94
N ASN A 5 2.75 3.67 -2.63
CA ASN A 5 2.55 5.08 -2.26
C ASN A 5 3.10 5.33 -0.90
N CYS A 6 2.58 4.63 0.09
CA CYS A 6 2.53 5.03 1.49
C CYS A 6 3.43 4.29 2.41
N GLY A 7 4.11 3.29 1.95
CA GLY A 7 5.14 2.52 2.64
C GLY A 7 4.60 1.33 3.37
N LYS A 8 3.39 1.44 3.83
CA LYS A 8 2.81 0.69 4.94
C LYS A 8 2.41 -0.71 4.54
N GLU A 9 2.69 -1.62 5.42
CA GLU A 9 2.83 -3.06 5.17
C GLU A 9 1.53 -3.78 5.32
N GLY A 10 0.79 -3.85 4.26
CA GLY A 10 -0.65 -4.13 4.23
C GLY A 10 -1.15 -4.40 2.84
N HIS A 11 -1.21 -3.37 2.07
CA HIS A 11 -2.18 -3.17 0.96
C HIS A 11 -1.52 -2.53 -0.21
N ILE A 12 -2.13 -2.66 -1.36
CA ILE A 12 -1.75 -2.05 -2.62
C ILE A 12 -2.21 -0.60 -2.71
N ALA A 13 -1.56 0.11 -3.55
CA ALA A 13 -1.52 1.57 -3.65
C ALA A 13 -2.89 2.11 -4.10
N ARG A 14 -3.43 1.40 -5.03
CA ARG A 14 -4.25 1.98 -6.13
C ARG A 14 -5.50 2.58 -5.56
N ASN A 15 -5.92 2.03 -4.48
CA ASN A 15 -7.08 2.45 -3.66
C ASN A 15 -6.82 2.29 -2.19
N CYS A 16 -5.59 2.42 -1.82
CA CYS A 16 -5.06 2.72 -0.49
C CYS A 16 -5.99 3.61 0.29
N ARG A 17 -5.99 3.43 1.57
CA ARG A 17 -6.65 4.26 2.57
C ARG A 17 -5.70 5.28 3.16
N ALA A 18 -5.37 6.24 2.36
CA ALA A 18 -4.49 7.37 2.67
C ALA A 18 -5.00 8.63 2.00
N VAL A 1 2.49 -6.41 0.83
CA VAL A 1 3.79 -5.78 0.66
C VAL A 1 3.71 -4.28 0.81
N LYS A 2 4.81 -3.64 0.63
CA LYS A 2 4.99 -2.19 0.62
C LYS A 2 4.03 -1.54 -0.34
N CYS A 3 2.99 -0.98 0.19
CA CYS A 3 2.05 -0.07 -0.47
C CYS A 3 2.82 1.00 -1.22
N PHE A 4 3.00 0.78 -2.46
CA PHE A 4 3.82 1.52 -3.40
C PHE A 4 3.89 2.99 -3.17
N ASN A 5 2.85 3.55 -2.67
CA ASN A 5 2.70 4.95 -2.23
C ASN A 5 3.22 5.13 -0.85
N CYS A 6 2.53 4.55 0.12
CA CYS A 6 2.43 5.04 1.50
C CYS A 6 3.32 4.35 2.48
N GLY A 7 4.02 3.36 2.06
CA GLY A 7 5.06 2.65 2.79
C GLY A 7 4.54 1.43 3.52
N LYS A 8 3.30 1.52 3.93
CA LYS A 8 2.70 0.70 4.99
C LYS A 8 2.33 -0.66 4.48
N GLU A 9 2.77 -1.66 5.18
CA GLU A 9 2.96 -3.05 4.73
C GLU A 9 1.74 -3.87 5.02
N GLY A 10 0.87 -3.91 4.06
CA GLY A 10 -0.55 -4.27 4.19
C GLY A 10 -1.20 -4.45 2.85
N HIS A 11 -1.36 -3.36 2.16
CA HIS A 11 -2.32 -3.15 1.08
C HIS A 11 -1.66 -2.49 -0.09
N ILE A 12 -2.23 -2.64 -1.25
CA ILE A 12 -1.79 -2.06 -2.51
C ILE A 12 -2.25 -0.62 -2.64
N ALA A 13 -1.54 0.07 -3.47
CA ALA A 13 -1.47 1.52 -3.59
C ALA A 13 -2.82 2.07 -4.06
N ARG A 14 -3.35 1.34 -4.98
CA ARG A 14 -4.17 1.91 -6.12
C ARG A 14 -5.37 2.58 -5.53
N ASN A 15 -5.84 2.01 -4.46
CA ASN A 15 -7.00 2.46 -3.67
C ASN A 15 -6.77 2.29 -2.18
N CYS A 16 -5.53 2.40 -1.80
CA CYS A 16 -5.02 2.75 -0.48
C CYS A 16 -5.95 3.69 0.24
N ARG A 17 -6.01 3.55 1.53
CA ARG A 17 -6.70 4.43 2.47
C ARG A 17 -5.79 5.51 2.97
N ALA A 18 -5.38 6.34 2.07
CA ALA A 18 -4.55 7.53 2.30
C ALA A 18 -5.14 8.72 1.55
N VAL A 1 5.61 -6.67 -1.27
CA VAL A 1 4.20 -6.63 -0.89
C VAL A 1 3.95 -5.51 0.09
N LYS A 2 4.10 -4.31 -0.39
CA LYS A 2 4.10 -3.06 0.37
C LYS A 2 3.60 -1.92 -0.48
N CYS A 3 2.87 -1.06 0.14
CA CYS A 3 1.99 -0.06 -0.50
C CYS A 3 2.80 0.96 -1.23
N PHE A 4 2.95 0.76 -2.49
CA PHE A 4 3.76 1.51 -3.45
C PHE A 4 3.86 2.97 -3.19
N ASN A 5 2.84 3.54 -2.67
CA ASN A 5 2.72 4.94 -2.23
C ASN A 5 3.23 5.12 -0.85
N CYS A 6 2.53 4.57 0.11
CA CYS A 6 2.44 5.04 1.49
C CYS A 6 3.33 4.34 2.46
N GLY A 7 4.01 3.34 2.03
CA GLY A 7 5.05 2.61 2.77
C GLY A 7 4.51 1.41 3.49
N LYS A 8 3.28 1.51 3.92
CA LYS A 8 2.67 0.71 4.98
C LYS A 8 2.34 -0.69 4.51
N GLU A 9 2.66 -1.63 5.34
CA GLU A 9 2.92 -3.04 5.02
C GLU A 9 1.67 -3.87 5.17
N GLY A 10 0.87 -3.85 4.15
CA GLY A 10 -0.54 -4.29 4.16
C GLY A 10 -1.09 -4.43 2.77
N HIS A 11 -1.31 -3.32 2.15
CA HIS A 11 -2.29 -3.12 1.06
C HIS A 11 -1.63 -2.46 -0.11
N ILE A 12 -2.22 -2.59 -1.26
CA ILE A 12 -1.82 -2.00 -2.52
C ILE A 12 -2.22 -0.55 -2.62
N ALA A 13 -1.54 0.13 -3.48
CA ALA A 13 -1.44 1.59 -3.60
C ALA A 13 -2.80 2.16 -4.02
N ARG A 14 -3.34 1.48 -4.98
CA ARG A 14 -4.17 2.10 -6.05
C ARG A 14 -5.44 2.62 -5.45
N ASN A 15 -5.87 1.94 -4.44
CA ASN A 15 -7.03 2.26 -3.58
C ASN A 15 -6.72 2.10 -2.11
N CYS A 16 -5.48 2.30 -1.79
CA CYS A 16 -4.98 2.83 -0.50
C CYS A 16 -5.92 3.89 0.00
N ARG A 17 -5.90 4.10 1.27
CA ARG A 17 -6.45 5.27 1.98
C ARG A 17 -5.40 6.34 2.12
N ALA A 18 -5.16 7.04 1.07
CA ALA A 18 -4.19 8.12 0.93
C ALA A 18 -4.01 8.47 -0.54
N VAL A 1 3.39 -6.00 1.31
CA VAL A 1 4.80 -6.06 0.93
C VAL A 1 5.43 -4.70 0.95
N LYS A 2 4.72 -3.74 0.44
CA LYS A 2 4.93 -2.31 0.60
C LYS A 2 4.05 -1.53 -0.33
N CYS A 3 2.99 -1.03 0.19
CA CYS A 3 2.03 -0.12 -0.46
C CYS A 3 2.79 0.96 -1.20
N PHE A 4 2.99 0.75 -2.44
CA PHE A 4 3.79 1.51 -3.38
C PHE A 4 3.88 2.97 -3.12
N ASN A 5 2.83 3.52 -2.64
CA ASN A 5 2.68 4.92 -2.19
C ASN A 5 3.21 5.09 -0.81
N CYS A 6 2.52 4.53 0.16
CA CYS A 6 2.45 5.00 1.54
C CYS A 6 3.36 4.31 2.50
N GLY A 7 4.04 3.31 2.07
CA GLY A 7 5.09 2.59 2.78
C GLY A 7 4.56 1.40 3.53
N LYS A 8 3.35 1.51 3.97
CA LYS A 8 2.77 0.76 5.11
C LYS A 8 2.34 -0.61 4.69
N GLU A 9 3.14 -1.58 4.99
CA GLU A 9 2.93 -3.00 4.72
C GLU A 9 1.49 -3.40 4.92
N GLY A 10 0.91 -3.93 3.90
CA GLY A 10 -0.35 -4.68 3.91
C GLY A 10 -1.00 -4.70 2.56
N HIS A 11 -1.22 -3.54 2.03
CA HIS A 11 -2.26 -3.22 1.03
C HIS A 11 -1.65 -2.49 -0.12
N ILE A 12 -2.22 -2.69 -1.28
CA ILE A 12 -1.79 -2.13 -2.55
C ILE A 12 -2.26 -0.68 -2.68
N ALA A 13 -1.54 0.03 -3.49
CA ALA A 13 -1.48 1.48 -3.57
C ALA A 13 -2.83 2.04 -4.01
N ARG A 14 -3.40 1.33 -4.93
CA ARG A 14 -4.20 1.92 -6.05
C ARG A 14 -5.48 2.45 -5.55
N ASN A 15 -5.91 1.94 -4.42
CA ASN A 15 -7.03 2.40 -3.62
C ASN A 15 -6.77 2.42 -2.14
N CYS A 16 -5.54 2.42 -1.76
CA CYS A 16 -4.99 2.74 -0.45
C CYS A 16 -5.83 3.74 0.29
N ARG A 17 -6.07 3.45 1.54
CA ARG A 17 -6.57 4.37 2.56
C ARG A 17 -5.44 4.92 3.38
N ALA A 18 -4.85 5.95 2.88
CA ALA A 18 -3.57 6.53 3.31
C ALA A 18 -3.81 7.55 4.42
N VAL A 1 2.25 -6.27 1.18
CA VAL A 1 3.63 -6.62 0.81
C VAL A 1 4.50 -5.39 0.78
N LYS A 2 4.02 -4.38 0.13
CA LYS A 2 4.37 -2.96 0.34
C LYS A 2 3.52 -2.08 -0.52
N CYS A 3 2.88 -1.15 0.09
CA CYS A 3 2.03 -0.12 -0.53
C CYS A 3 2.87 0.89 -1.24
N PHE A 4 3.00 0.72 -2.50
CA PHE A 4 3.82 1.47 -3.46
C PHE A 4 3.95 2.92 -3.16
N ASN A 5 2.91 3.50 -2.68
CA ASN A 5 2.79 4.91 -2.25
C ASN A 5 3.28 5.08 -0.86
N CYS A 6 2.56 4.54 0.09
CA CYS A 6 2.45 5.01 1.46
C CYS A 6 3.34 4.33 2.44
N GLY A 7 4.03 3.33 2.01
CA GLY A 7 5.08 2.61 2.75
C GLY A 7 4.55 1.42 3.50
N LYS A 8 3.33 1.53 3.94
CA LYS A 8 2.76 0.80 5.08
C LYS A 8 2.36 -0.59 4.69
N GLU A 9 3.04 -1.56 5.24
CA GLU A 9 2.84 -2.98 4.97
C GLU A 9 1.35 -3.30 5.09
N GLY A 10 0.82 -3.84 4.05
CA GLY A 10 -0.47 -4.53 4.02
C GLY A 10 -1.03 -4.62 2.62
N HIS A 11 -1.20 -3.48 2.02
CA HIS A 11 -2.21 -3.21 0.98
C HIS A 11 -1.58 -2.50 -0.19
N ILE A 12 -2.21 -2.64 -1.33
CA ILE A 12 -1.82 -2.04 -2.59
C ILE A 12 -2.25 -0.59 -2.68
N ALA A 13 -1.57 0.12 -3.51
CA ALA A 13 -1.50 1.57 -3.61
C ALA A 13 -2.85 2.14 -4.08
N ARG A 14 -3.41 1.42 -5.00
CA ARG A 14 -4.17 1.99 -6.15
C ARG A 14 -5.43 2.62 -5.64
N ASN A 15 -5.90 2.10 -4.54
CA ASN A 15 -7.01 2.62 -3.73
C ASN A 15 -6.80 2.42 -2.26
N CYS A 16 -5.57 2.46 -1.86
CA CYS A 16 -5.07 2.68 -0.51
C CYS A 16 -5.99 3.53 0.31
N ARG A 17 -6.34 4.66 -0.23
CA ARG A 17 -7.11 5.73 0.39
C ARG A 17 -6.28 6.44 1.44
N ALA A 18 -5.44 7.30 0.99
CA ALA A 18 -4.40 8.00 1.75
C ALA A 18 -4.19 9.39 1.21
N VAL A 1 4.25 -7.01 -2.97
CA VAL A 1 3.94 -6.59 -1.61
C VAL A 1 4.15 -5.10 -1.44
N LYS A 2 3.64 -4.60 -0.37
CA LYS A 2 3.95 -3.29 0.22
C LYS A 2 3.46 -2.16 -0.64
N CYS A 3 2.91 -1.18 -0.02
CA CYS A 3 2.09 -0.12 -0.61
C CYS A 3 2.94 0.90 -1.30
N PHE A 4 3.03 0.80 -2.57
CA PHE A 4 3.80 1.61 -3.51
C PHE A 4 3.91 3.04 -3.13
N ASN A 5 2.84 3.60 -2.69
CA ASN A 5 2.67 4.99 -2.24
C ASN A 5 3.20 5.17 -0.87
N CYS A 6 2.55 4.56 0.10
CA CYS A 6 2.45 5.00 1.48
C CYS A 6 3.33 4.29 2.44
N GLY A 7 4.05 3.31 2.00
CA GLY A 7 5.09 2.59 2.73
C GLY A 7 4.56 1.38 3.46
N LYS A 8 3.34 1.48 3.88
CA LYS A 8 2.77 0.72 5.00
C LYS A 8 2.39 -0.67 4.60
N GLU A 9 2.96 -1.63 5.27
CA GLU A 9 2.84 -3.07 4.99
C GLU A 9 1.44 -3.55 5.25
N GLY A 10 0.75 -3.88 4.21
CA GLY A 10 -0.65 -4.27 4.18
C GLY A 10 -1.16 -4.52 2.79
N HIS A 11 -1.20 -3.47 2.02
CA HIS A 11 -2.16 -3.25 0.93
C HIS A 11 -1.53 -2.56 -0.24
N ILE A 12 -2.13 -2.67 -1.38
CA ILE A 12 -1.75 -2.05 -2.64
C ILE A 12 -2.20 -0.60 -2.69
N ALA A 13 -1.55 0.13 -3.54
CA ALA A 13 -1.49 1.58 -3.62
C ALA A 13 -2.85 2.15 -4.03
N ARG A 14 -3.38 1.51 -5.02
CA ARG A 14 -4.20 2.16 -6.08
C ARG A 14 -5.46 2.69 -5.48
N ASN A 15 -5.89 2.04 -4.44
CA ASN A 15 -7.05 2.39 -3.60
C ASN A 15 -6.78 2.18 -2.13
N CYS A 16 -5.56 2.29 -1.77
CA CYS A 16 -5.02 2.63 -0.44
C CYS A 16 -5.96 3.54 0.30
N ARG A 17 -5.96 3.42 1.59
CA ARG A 17 -6.57 4.34 2.55
C ARG A 17 -5.55 5.33 3.06
N ALA A 18 -5.48 6.43 2.41
CA ALA A 18 -4.49 7.50 2.59
C ALA A 18 -4.98 8.79 1.96
N VAL A 1 3.45 1.95 8.56
CA VAL A 1 3.08 0.76 7.80
C VAL A 1 1.80 0.99 7.03
N LYS A 2 1.43 0.00 6.29
CA LYS A 2 0.11 -0.17 5.66
C LYS A 2 0.03 0.64 4.39
N CYS A 3 0.04 -0.05 3.30
CA CYS A 3 -0.37 0.42 1.97
C CYS A 3 -1.71 1.09 2.05
N PHE A 4 -1.75 2.30 1.64
CA PHE A 4 -2.94 3.16 1.51
C PHE A 4 -4.09 2.44 0.85
N ASN A 5 -3.81 1.92 -0.29
CA ASN A 5 -4.79 1.32 -1.23
C ASN A 5 -5.36 0.09 -0.62
N CYS A 6 -4.50 -0.85 -0.27
CA CYS A 6 -4.77 -2.27 -0.12
C CYS A 6 -4.68 -2.83 1.24
N GLY A 7 -4.26 -2.09 2.21
CA GLY A 7 -4.24 -2.43 3.63
C GLY A 7 -2.94 -3.03 4.07
N LYS A 8 -2.33 -3.75 3.17
CA LYS A 8 -1.35 -4.82 3.43
C LYS A 8 -0.13 -4.29 4.14
N GLU A 9 -0.01 -4.63 5.39
CA GLU A 9 1.19 -4.48 6.21
C GLU A 9 2.42 -4.81 5.40
N GLY A 10 2.95 -3.81 4.76
CA GLY A 10 4.11 -3.88 3.89
C GLY A 10 4.45 -2.54 3.29
N HIS A 11 3.87 -2.28 2.16
CA HIS A 11 4.41 -1.43 1.08
C HIS A 11 3.59 -0.19 0.91
N ILE A 12 4.13 0.77 0.22
CA ILE A 12 3.46 1.96 -0.25
C ILE A 12 2.66 1.68 -1.51
N ALA A 13 1.73 2.52 -1.75
CA ALA A 13 0.63 2.39 -2.71
C ALA A 13 1.14 2.54 -4.13
N ARG A 14 2.05 3.45 -4.26
CA ARG A 14 2.17 4.32 -5.46
C ARG A 14 2.39 3.46 -6.68
N ASN A 15 3.09 2.38 -6.46
CA ASN A 15 3.36 1.32 -7.43
C ASN A 15 3.32 -0.05 -6.85
N CYS A 16 2.59 -0.22 -5.81
CA CYS A 16 1.97 -1.47 -5.34
C CYS A 16 1.74 -2.45 -6.45
N ARG A 17 1.83 -3.70 -6.11
CA ARG A 17 1.39 -4.86 -6.89
C ARG A 17 0.02 -5.30 -6.48
N ALA A 18 -0.95 -4.52 -6.84
CA ALA A 18 -2.38 -4.81 -6.76
C ALA A 18 -3.14 -3.98 -7.80
N VAL A 1 2.71 -0.05 8.66
CA VAL A 1 3.16 0.20 7.30
C VAL A 1 2.01 0.55 6.40
N LYS A 2 1.06 -0.32 6.31
CA LYS A 2 -0.26 -0.17 5.73
C LYS A 2 -0.26 0.62 4.46
N CYS A 3 -0.11 -0.06 3.37
CA CYS A 3 -0.41 0.40 2.01
C CYS A 3 -1.75 1.09 1.99
N PHE A 4 -1.73 2.33 1.70
CA PHE A 4 -2.89 3.24 1.61
C PHE A 4 -4.05 2.64 0.90
N ASN A 5 -3.80 2.03 -0.19
CA ASN A 5 -4.78 1.43 -1.13
C ASN A 5 -5.32 0.17 -0.56
N CYS A 6 -4.46 -0.81 -0.34
CA CYS A 6 -4.76 -2.22 -0.28
C CYS A 6 -4.73 -2.86 1.06
N GLY A 7 -4.35 -2.15 2.06
CA GLY A 7 -4.38 -2.54 3.48
C GLY A 7 -3.08 -3.10 3.94
N LYS A 8 -2.41 -3.79 3.07
CA LYS A 8 -1.36 -4.76 3.34
C LYS A 8 -0.16 -4.13 4.00
N GLU A 9 0.02 -4.44 5.23
CA GLU A 9 1.20 -4.13 6.05
C GLU A 9 2.45 -4.66 5.40
N GLY A 10 3.11 -3.79 4.70
CA GLY A 10 4.21 -4.08 3.78
C GLY A 10 4.78 -2.83 3.16
N HIS A 11 4.04 -2.27 2.27
CA HIS A 11 4.52 -1.50 1.11
C HIS A 11 3.64 -0.32 0.84
N ILE A 12 4.14 0.65 0.13
CA ILE A 12 3.46 1.86 -0.28
C ILE A 12 2.61 1.63 -1.52
N ALA A 13 1.68 2.52 -1.70
CA ALA A 13 0.55 2.46 -2.61
C ALA A 13 0.99 2.61 -4.05
N ARG A 14 1.91 3.51 -4.23
CA ARG A 14 1.98 4.37 -5.45
C ARG A 14 2.17 3.51 -6.65
N ASN A 15 2.88 2.44 -6.47
CA ASN A 15 3.14 1.37 -7.44
C ASN A 15 3.18 0.01 -6.80
N CYS A 16 2.41 -0.17 -5.78
CA CYS A 16 1.92 -1.43 -5.21
C CYS A 16 1.93 -2.56 -6.15
N ARG A 17 0.87 -2.89 -6.78
CA ARG A 17 0.68 -3.61 -8.03
C ARG A 17 -0.70 -4.18 -8.18
N ALA A 18 -1.51 -4.05 -7.19
CA ALA A 18 -2.98 -4.08 -7.23
C ALA A 18 -3.51 -2.91 -8.06
N VAL A 1 1.07 2.32 8.86
CA VAL A 1 1.78 1.04 8.83
C VAL A 1 1.08 0.07 7.91
N LYS A 2 0.80 0.52 6.74
CA LYS A 2 0.11 -0.19 5.66
C LYS A 2 0.10 0.60 4.38
N CYS A 3 0.12 -0.11 3.30
CA CYS A 3 -0.26 0.35 1.96
C CYS A 3 -1.61 1.01 2.03
N PHE A 4 -1.66 2.23 1.67
CA PHE A 4 -2.83 3.10 1.60
C PHE A 4 -3.96 2.52 0.84
N ASN A 5 -3.68 1.98 -0.29
CA ASN A 5 -4.64 1.39 -1.25
C ASN A 5 -5.19 0.12 -0.70
N CYS A 6 -4.32 -0.82 -0.41
CA CYS A 6 -4.59 -2.25 -0.33
C CYS A 6 -4.59 -2.85 1.03
N GLY A 7 -4.24 -2.12 2.03
CA GLY A 7 -4.31 -2.46 3.45
C GLY A 7 -3.04 -3.06 3.97
N LYS A 8 -2.36 -3.77 3.12
CA LYS A 8 -1.37 -4.80 3.45
C LYS A 8 -0.19 -4.21 4.18
N GLU A 9 0.00 -4.65 5.38
CA GLU A 9 1.23 -4.58 6.15
C GLU A 9 2.43 -4.85 5.28
N GLY A 10 2.96 -3.81 4.73
CA GLY A 10 4.23 -3.77 4.00
C GLY A 10 4.46 -2.45 3.33
N HIS A 11 3.92 -2.32 2.17
CA HIS A 11 4.43 -1.50 1.04
C HIS A 11 3.63 -0.25 0.87
N ILE A 12 4.16 0.68 0.15
CA ILE A 12 3.51 1.91 -0.29
C ILE A 12 2.63 1.66 -1.50
N ALA A 13 1.73 2.57 -1.70
CA ALA A 13 0.59 2.52 -2.60
C ALA A 13 1.04 2.63 -4.05
N ARG A 14 1.88 3.59 -4.27
CA ARG A 14 1.91 4.38 -5.53
C ARG A 14 2.26 3.51 -6.68
N ASN A 15 2.95 2.44 -6.38
CA ASN A 15 3.33 1.37 -7.31
C ASN A 15 3.19 -0.01 -6.74
N CYS A 16 2.46 -0.14 -5.70
CA CYS A 16 1.78 -1.35 -5.23
C CYS A 16 1.41 -2.26 -6.37
N ARG A 17 0.51 -1.80 -7.18
CA ARG A 17 0.02 -2.44 -8.41
C ARG A 17 -1.06 -3.45 -8.08
N ALA A 18 -2.19 -2.95 -7.72
CA ALA A 18 -3.33 -3.68 -7.17
C ALA A 18 -4.59 -2.83 -7.28
N VAL A 1 3.13 1.67 9.05
CA VAL A 1 3.73 1.28 7.78
C VAL A 1 2.89 0.25 7.07
N LYS A 2 2.05 0.72 6.21
CA LYS A 2 0.98 -0.02 5.56
C LYS A 2 0.46 0.71 4.35
N CYS A 3 0.13 -0.03 3.35
CA CYS A 3 -0.34 0.40 2.03
C CYS A 3 -1.70 1.05 2.14
N PHE A 4 -1.77 2.24 1.67
CA PHE A 4 -2.99 3.04 1.47
C PHE A 4 -4.05 2.26 0.75
N ASN A 5 -3.71 1.85 -0.43
CA ASN A 5 -4.63 1.29 -1.44
C ASN A 5 -5.24 0.03 -0.93
N CYS A 6 -4.41 -0.86 -0.42
CA CYS A 6 -4.67 -2.27 -0.22
C CYS A 6 -4.66 -2.79 1.15
N GLY A 7 -4.29 -2.05 2.11
CA GLY A 7 -4.31 -2.37 3.55
C GLY A 7 -3.00 -2.92 4.03
N LYS A 8 -2.36 -3.68 3.19
CA LYS A 8 -1.35 -4.68 3.52
C LYS A 8 -0.20 -4.09 4.26
N GLU A 9 0.06 -4.61 5.42
CA GLU A 9 1.31 -4.49 6.18
C GLU A 9 2.49 -4.86 5.31
N GLY A 10 3.02 -3.88 4.66
CA GLY A 10 4.24 -3.94 3.86
C GLY A 10 4.60 -2.61 3.26
N HIS A 11 3.96 -2.31 2.17
CA HIS A 11 4.46 -1.47 1.06
C HIS A 11 3.62 -0.23 0.92
N ILE A 12 4.16 0.74 0.23
CA ILE A 12 3.49 1.95 -0.19
C ILE A 12 2.68 1.73 -1.45
N ALA A 13 1.75 2.59 -1.65
CA ALA A 13 0.64 2.51 -2.58
C ALA A 13 1.12 2.60 -4.02
N ARG A 14 2.02 3.51 -4.21
CA ARG A 14 2.10 4.33 -5.45
C ARG A 14 2.33 3.42 -6.62
N ASN A 15 3.03 2.35 -6.37
CA ASN A 15 3.35 1.29 -7.31
C ASN A 15 3.23 -0.10 -6.74
N CYS A 16 2.51 -0.24 -5.71
CA CYS A 16 1.81 -1.45 -5.23
C CYS A 16 1.49 -2.39 -6.36
N ARG A 17 1.70 -3.64 -6.13
CA ARG A 17 1.70 -4.73 -7.11
C ARG A 17 0.40 -5.48 -7.12
N ALA A 18 -0.63 -4.82 -6.68
CA ALA A 18 -1.98 -5.36 -6.44
C ALA A 18 -2.78 -5.34 -7.73
N VAL A 1 3.78 1.51 7.52
CA VAL A 1 2.78 1.12 8.48
C VAL A 1 1.65 0.35 7.84
N LYS A 2 1.36 0.70 6.64
CA LYS A 2 0.58 -0.08 5.67
C LYS A 2 0.33 0.72 4.40
N CYS A 3 0.13 0.00 3.35
CA CYS A 3 -0.33 0.48 2.05
C CYS A 3 -1.67 1.16 2.19
N PHE A 4 -1.73 2.34 1.70
CA PHE A 4 -2.93 3.18 1.54
C PHE A 4 -4.05 2.45 0.85
N ASN A 5 -3.77 1.95 -0.30
CA ASN A 5 -4.73 1.41 -1.27
C ASN A 5 -5.34 0.15 -0.75
N CYS A 6 -4.49 -0.78 -0.36
CA CYS A 6 -4.75 -2.20 -0.26
C CYS A 6 -4.54 -2.84 1.06
N GLY A 7 -4.25 -2.13 2.08
CA GLY A 7 -4.27 -2.55 3.49
C GLY A 7 -2.95 -3.09 3.96
N LYS A 8 -2.28 -3.77 3.09
CA LYS A 8 -1.24 -4.77 3.38
C LYS A 8 -0.12 -4.21 4.18
N GLU A 9 0.02 -4.70 5.37
CA GLU A 9 1.15 -4.50 6.28
C GLU A 9 2.46 -4.81 5.59
N GLY A 10 2.93 -3.87 4.84
CA GLY A 10 4.00 -4.00 3.85
C GLY A 10 4.43 -2.68 3.29
N HIS A 11 3.83 -2.31 2.21
CA HIS A 11 4.40 -1.48 1.12
C HIS A 11 3.58 -0.25 0.91
N ILE A 12 4.14 0.71 0.20
CA ILE A 12 3.50 1.92 -0.26
C ILE A 12 2.65 1.65 -1.50
N ALA A 13 1.76 2.54 -1.74
CA ALA A 13 0.65 2.46 -2.68
C ALA A 13 1.11 2.59 -4.12
N ARG A 14 1.99 3.52 -4.32
CA ARG A 14 2.04 4.36 -5.55
C ARG A 14 2.25 3.47 -6.74
N ASN A 15 2.92 2.39 -6.50
CA ASN A 15 3.21 1.31 -7.46
C ASN A 15 3.27 -0.04 -6.82
N CYS A 16 2.52 -0.21 -5.78
CA CYS A 16 1.93 -1.44 -5.26
C CYS A 16 1.73 -2.48 -6.31
N ARG A 17 1.85 -3.70 -5.92
CA ARG A 17 1.49 -4.92 -6.67
C ARG A 17 0.08 -5.33 -6.38
N ALA A 18 -0.83 -4.55 -6.87
CA ALA A 18 -2.28 -4.79 -6.87
C ALA A 18 -2.92 -4.17 -8.10
N VAL A 1 4.15 2.45 6.16
CA VAL A 1 3.79 1.66 7.32
C VAL A 1 2.69 0.68 7.03
N LYS A 2 1.96 0.96 6.01
CA LYS A 2 0.97 0.07 5.37
C LYS A 2 0.34 0.73 4.18
N CYS A 3 0.07 -0.05 3.20
CA CYS A 3 -0.34 0.35 1.84
C CYS A 3 -1.65 1.07 1.90
N PHE A 4 -1.61 2.33 1.67
CA PHE A 4 -2.71 3.28 1.57
C PHE A 4 -3.95 2.69 0.96
N ASN A 5 -3.79 2.08 -0.15
CA ASN A 5 -4.84 1.51 -1.01
C ASN A 5 -5.40 0.28 -0.39
N CYS A 6 -4.58 -0.73 -0.25
CA CYS A 6 -4.94 -2.14 -0.20
C CYS A 6 -4.72 -2.85 1.07
N GLY A 7 -4.28 -2.20 2.08
CA GLY A 7 -4.23 -2.66 3.48
C GLY A 7 -2.93 -3.32 3.83
N LYS A 8 -2.36 -3.98 2.87
CA LYS A 8 -1.35 -5.03 3.03
C LYS A 8 -0.13 -4.49 3.73
N GLU A 9 0.09 -4.95 4.92
CA GLU A 9 0.95 -4.37 5.94
C GLU A 9 2.41 -4.53 5.57
N GLY A 10 2.84 -3.68 4.68
CA GLY A 10 4.08 -3.80 3.91
C GLY A 10 4.46 -2.49 3.26
N HIS A 11 3.89 -2.26 2.13
CA HIS A 11 4.41 -1.37 1.07
C HIS A 11 3.67 -0.08 1.04
N ILE A 12 4.21 0.87 0.33
CA ILE A 12 3.54 2.07 -0.15
C ILE A 12 2.72 1.75 -1.41
N ALA A 13 1.78 2.60 -1.66
CA ALA A 13 0.65 2.42 -2.55
C ALA A 13 1.07 2.49 -4.01
N ARG A 14 1.94 3.42 -4.26
CA ARG A 14 1.93 4.23 -5.51
C ARG A 14 2.23 3.35 -6.68
N ASN A 15 3.05 2.36 -6.45
CA ASN A 15 3.43 1.31 -7.39
C ASN A 15 3.26 -0.08 -6.84
N CYS A 16 2.52 -0.21 -5.81
CA CYS A 16 1.83 -1.42 -5.34
C CYS A 16 1.49 -2.34 -6.47
N ARG A 17 0.48 -1.99 -7.20
CA ARG A 17 -0.12 -2.76 -8.29
C ARG A 17 -0.92 -3.92 -7.74
N ALA A 18 -2.15 -3.65 -7.43
CA ALA A 18 -3.08 -4.52 -6.70
C ALA A 18 -4.52 -4.19 -7.08
N VAL A 1 -0.41 2.93 8.94
CA VAL A 1 0.25 1.63 8.97
C VAL A 1 -0.46 0.65 8.07
N LYS A 2 -0.21 0.77 6.82
CA LYS A 2 -0.98 0.19 5.71
C LYS A 2 -0.63 0.84 4.40
N CYS A 3 -0.41 0.03 3.42
CA CYS A 3 -0.46 0.37 1.99
C CYS A 3 -1.78 1.03 1.67
N PHE A 4 -1.76 2.31 1.57
CA PHE A 4 -2.88 3.24 1.49
C PHE A 4 -3.97 2.86 0.55
N ASN A 5 -3.71 1.98 -0.33
CA ASN A 5 -4.68 1.26 -1.19
C ASN A 5 -5.19 0.03 -0.55
N CYS A 6 -4.36 -0.95 -0.36
CA CYS A 6 -4.66 -2.37 -0.32
C CYS A 6 -4.65 -3.02 1.03
N GLY A 7 -4.27 -2.31 2.02
CA GLY A 7 -4.28 -2.69 3.44
C GLY A 7 -2.95 -3.21 3.89
N LYS A 8 -2.28 -3.89 3.01
CA LYS A 8 -1.20 -4.85 3.31
C LYS A 8 -0.03 -4.18 3.96
N GLU A 9 0.09 -4.41 5.24
CA GLU A 9 1.21 -3.92 6.06
C GLU A 9 2.51 -4.42 5.49
N GLY A 10 3.21 -3.58 4.80
CA GLY A 10 4.39 -3.85 4.00
C GLY A 10 4.82 -2.65 3.19
N HIS A 11 4.12 -2.44 2.14
CA HIS A 11 4.53 -1.64 0.96
C HIS A 11 3.68 -0.41 0.85
N ILE A 12 4.14 0.54 0.11
CA ILE A 12 3.45 1.76 -0.27
C ILE A 12 2.55 1.57 -1.47
N ALA A 13 1.60 2.43 -1.56
CA ALA A 13 0.47 2.42 -2.47
C ALA A 13 0.99 2.56 -3.91
N ARG A 14 1.93 3.44 -4.01
CA ARG A 14 2.11 4.29 -5.22
C ARG A 14 2.42 3.40 -6.38
N ASN A 15 3.04 2.28 -6.09
CA ASN A 15 3.34 1.20 -6.99
C ASN A 15 3.18 -0.17 -6.39
N CYS A 16 2.33 -0.27 -5.42
CA CYS A 16 1.52 -1.46 -5.07
C CYS A 16 1.18 -2.23 -6.31
N ARG A 17 0.99 -3.50 -6.15
CA ARG A 17 0.34 -4.41 -7.09
C ARG A 17 -0.68 -5.28 -6.40
N ALA A 18 -1.85 -4.73 -6.24
CA ALA A 18 -3.10 -5.41 -5.88
C ALA A 18 -3.51 -6.36 -7.01
N VAL A 1 2.52 1.60 9.63
CA VAL A 1 1.55 1.98 8.62
C VAL A 1 1.44 0.92 7.55
N LYS A 2 0.55 1.16 6.64
CA LYS A 2 -0.01 0.16 5.71
C LYS A 2 -0.31 0.79 4.38
N CYS A 3 -0.14 0.02 3.36
CA CYS A 3 -0.36 0.38 1.95
C CYS A 3 -1.69 1.05 1.79
N PHE A 4 -1.67 2.32 1.63
CA PHE A 4 -2.78 3.24 1.53
C PHE A 4 -3.97 2.69 0.79
N ASN A 5 -3.72 1.98 -0.24
CA ASN A 5 -4.70 1.32 -1.12
C ASN A 5 -5.16 0.04 -0.53
N CYS A 6 -4.27 -0.93 -0.45
CA CYS A 6 -4.56 -2.36 -0.44
C CYS A 6 -4.70 -2.97 0.91
N GLY A 7 -4.30 -2.29 1.91
CA GLY A 7 -4.38 -2.66 3.33
C GLY A 7 -3.08 -3.15 3.88
N LYS A 8 -2.35 -3.86 3.07
CA LYS A 8 -1.32 -4.83 3.44
C LYS A 8 -0.16 -4.17 4.11
N GLU A 9 0.03 -4.47 5.36
CA GLU A 9 1.25 -4.26 6.14
C GLU A 9 2.47 -4.67 5.35
N GLY A 10 3.05 -3.72 4.68
CA GLY A 10 4.34 -3.80 4.00
C GLY A 10 4.69 -2.51 3.32
N HIS A 11 4.08 -2.29 2.21
CA HIS A 11 4.57 -1.46 1.09
C HIS A 11 3.71 -0.25 0.89
N ILE A 12 4.22 0.72 0.20
CA ILE A 12 3.54 1.93 -0.21
C ILE A 12 2.70 1.69 -1.44
N ALA A 13 1.75 2.54 -1.62
CA ALA A 13 0.60 2.45 -2.52
C ALA A 13 1.06 2.54 -3.97
N ARG A 14 1.91 3.50 -4.17
CA ARG A 14 1.95 4.28 -5.45
C ARG A 14 2.22 3.35 -6.59
N ASN A 15 2.95 2.30 -6.30
CA ASN A 15 3.30 1.22 -7.19
C ASN A 15 3.24 -0.15 -6.58
N CYS A 16 2.50 -0.28 -5.54
CA CYS A 16 1.79 -1.49 -5.09
C CYS A 16 1.44 -2.38 -6.25
N ARG A 17 1.59 -3.65 -6.06
CA ARG A 17 1.51 -4.70 -7.09
C ARG A 17 0.16 -5.33 -7.13
N ALA A 18 -0.83 -4.56 -6.83
CA ALA A 18 -2.26 -4.82 -7.04
C ALA A 18 -2.72 -4.19 -8.35
#